data_6MTO
#
_entry.id   6MTO
#
_cell.length_a   185.280
_cell.length_b   47.418
_cell.length_c   79.791
_cell.angle_alpha   90.00
_cell.angle_beta   112.09
_cell.angle_gamma   90.00
#
_symmetry.space_group_name_H-M   'C 1 2 1'
#
loop_
_entity.id
_entity.type
_entity.pdbx_description
1 polymer 'Antibody VRC42.01 Fab light chain'
2 polymer 'Antibody VRC42.01 Fab heavy chain'
3 polymer 'VRC42 epitope T117-F scaffold'
4 water water
#
loop_
_entity_poly.entity_id
_entity_poly.type
_entity_poly.pdbx_seq_one_letter_code
_entity_poly.pdbx_strand_id
1 'polypeptide(L)'
;EIVLTQSPDTLSLSPGERASLSCRASQNVRNSNLAWYQHKPGQPPRLLIYGASSRASGIPGRFSGSGSGTDFTLTISRLE
PEDFAVYYCQQYGGSFGTFGQGTKVEFRRTVAAPSVFIFPPSDEQLKSGTASVVCLLNNFYPREAKVQWKVDNALQSGNS
QESVTEQDSKDSTYSLSSTLTLSKADYEKHKVYACEVTHQGLSSPVTKSFNRGEC
;
L
2 'polypeptide(L)'
;QVQLVQSGPEVKKPGSSLKVSCKASGGSFSTYTLSWVRQTPGQGLEWMGGIIPLLGLPNYAPKFQGRVTFSADTSTNTAY
MEMSRLRFEDTAVYFCAREGAGWFGKPVGAMGYWGQGTTVTVSSASTKGPSVFPLAPSSKSTSGGTAALGCLVKDYFPEP
VTVSWNSGALTSGVHTFPAVLQSSGLYSLSSVVTVPSSSLGTQTYICNVNHKPSNTKVDKKVEPK
;
H
3 'polypeptide(L)'
;QGIHFRRHYVRHLPKEVSQNDIIKALASPLINDGMVVSDFADHVITREQNFPTGLPVEPVGVAIPHTDSKYVRQNAISVG
ILAEPVNFEDAGGEPDPVPVRVVFMLALGNWFDITKWLWYIKAVIQDEDFMQQLLVMNDDEIYQSIYTRISELEVLFQGP
;
T
#
# COMPACT_ATOMS: atom_id res chain seq x y z
N GLU A 1 6.10 -13.53 14.57
CA GLU A 1 5.77 -12.30 13.86
C GLU A 1 6.67 -11.15 14.27
N ILE A 2 7.21 -10.45 13.28
CA ILE A 2 8.05 -9.28 13.53
C ILE A 2 7.17 -8.05 13.51
N VAL A 3 7.09 -7.36 14.65
CA VAL A 3 6.30 -6.14 14.79
C VAL A 3 7.23 -4.95 14.73
N LEU A 4 6.84 -3.92 13.98
CA LEU A 4 7.62 -2.70 13.81
C LEU A 4 6.87 -1.53 14.42
N THR A 5 7.57 -0.73 15.21
CA THR A 5 7.02 0.50 15.79
C THR A 5 7.92 1.67 15.40
N GLN A 6 7.29 2.75 14.94
CA GLN A 6 8.02 3.94 14.52
C GLN A 6 7.83 5.06 15.52
N SER A 7 8.85 5.89 15.67
CA SER A 7 8.82 7.03 16.57
C SER A 7 9.55 8.20 15.92
N PRO A 8 9.05 9.44 16.09
CA PRO A 8 7.79 9.73 16.79
C PRO A 8 6.57 9.53 15.89
N ASP A 9 5.37 9.77 16.43
CA ASP A 9 4.16 9.66 15.62
C ASP A 9 4.09 10.78 14.59
N THR A 10 4.37 12.02 15.02
CA THR A 10 4.37 13.18 14.14
C THR A 10 5.63 14.00 14.40
N LEU A 11 6.32 14.37 13.34
CA LEU A 11 7.54 15.16 13.41
C LEU A 11 7.28 16.52 12.78
N SER A 12 7.35 17.57 13.58
CA SER A 12 7.06 18.93 13.12
C SER A 12 8.37 19.66 12.88
N LEU A 13 8.69 19.91 11.61
CA LEU A 13 9.95 20.54 11.24
C LEU A 13 9.71 21.58 10.15
N SER A 14 10.71 22.45 9.97
CA SER A 14 10.75 23.50 8.97
C SER A 14 11.75 23.17 7.87
N PRO A 15 11.53 23.65 6.65
CA PRO A 15 12.49 23.36 5.56
C PRO A 15 13.90 23.82 5.91
N GLY A 16 14.87 22.98 5.55
CA GLY A 16 16.25 23.19 5.89
C GLY A 16 16.72 22.43 7.12
N GLU A 17 15.80 21.94 7.93
CA GLU A 17 16.17 21.23 9.15
C GLU A 17 16.49 19.77 8.85
N ARG A 18 16.99 19.08 9.88
CA ARG A 18 17.41 17.69 9.77
C ARG A 18 16.36 16.79 10.43
N ALA A 19 15.88 15.80 9.67
CA ALA A 19 14.83 14.90 10.13
C ALA A 19 15.41 13.52 10.46
N SER A 20 14.97 12.97 11.58
CA SER A 20 15.40 11.64 12.03
C SER A 20 14.17 10.82 12.38
N LEU A 21 14.01 9.68 11.72
CA LEU A 21 12.89 8.79 11.93
C LEU A 21 13.40 7.44 12.42
N SER A 22 12.79 6.92 13.48
CA SER A 22 13.23 5.69 14.13
C SER A 22 12.26 4.57 13.84
N CYS A 23 12.79 3.39 13.51
CA CYS A 23 12.01 2.19 13.28
C CYS A 23 12.65 1.06 14.09
N ARG A 24 11.86 0.44 14.97
CA ARG A 24 12.37 -0.60 15.86
C ARG A 24 11.57 -1.88 15.68
N ALA A 25 12.27 -3.01 15.73
CA ALA A 25 11.66 -4.32 15.53
C ALA A 25 11.77 -5.16 16.80
N SER A 26 10.77 -6.01 17.01
CA SER A 26 10.76 -6.86 18.20
C SER A 26 11.85 -7.93 18.12
N GLN A 27 12.12 -8.43 16.92
CA GLN A 27 13.17 -9.41 16.68
C GLN A 27 14.18 -8.84 15.69
N ASN A 28 15.36 -9.44 15.65
CA ASN A 28 16.37 -9.04 14.68
C ASN A 28 15.84 -9.21 13.27
N VAL A 29 15.98 -8.16 12.46
CA VAL A 29 15.56 -8.21 11.07
C VAL A 29 16.61 -8.98 10.28
N ARG A 30 16.18 -10.05 9.62
CA ARG A 30 17.11 -10.95 8.95
C ARG A 30 17.77 -10.27 7.76
N ASN A 31 19.10 -10.32 7.72
CA ASN A 31 19.89 -9.78 6.62
C ASN A 31 19.60 -8.29 6.38
N SER A 32 19.16 -7.61 7.44
CA SER A 32 18.83 -6.18 7.39
C SER A 32 17.82 -5.89 6.29
N ASN A 33 16.84 -6.78 6.14
CA ASN A 33 15.82 -6.65 5.10
C ASN A 33 14.78 -5.63 5.56
N LEU A 34 15.10 -4.36 5.34
CA LEU A 34 14.20 -3.27 5.68
C LEU A 34 14.07 -2.32 4.50
N ALA A 35 12.95 -1.60 4.45
CA ALA A 35 12.71 -0.62 3.41
C ALA A 35 11.99 0.58 3.99
N TRP A 36 12.28 1.76 3.45
CA TRP A 36 11.61 2.99 3.84
C TRP A 36 10.80 3.51 2.66
N TYR A 37 9.52 3.80 2.90
CA TYR A 37 8.62 4.30 1.88
C TYR A 37 8.12 5.68 2.24
N GLN A 38 7.76 6.44 1.21
CA GLN A 38 7.18 7.77 1.36
C GLN A 38 5.79 7.77 0.74
N HIS A 39 4.80 8.20 1.51
CA HIS A 39 3.40 8.20 1.07
C HIS A 39 2.86 9.61 1.19
N LYS A 40 2.49 10.20 0.06
CA LYS A 40 1.87 11.51 0.01
C LYS A 40 0.38 11.37 -0.27
N PRO A 41 -0.44 12.32 0.20
CA PRO A 41 -1.90 12.22 -0.02
C PRO A 41 -2.26 12.22 -1.49
N GLY A 42 -2.88 11.14 -1.94
CA GLY A 42 -3.34 11.02 -3.30
C GLY A 42 -2.36 10.43 -4.28
N GLN A 43 -1.28 9.83 -3.81
CA GLN A 43 -0.24 9.26 -4.64
C GLN A 43 0.12 7.87 -4.13
N PRO A 44 0.65 7.00 -5.00
CA PRO A 44 1.09 5.69 -4.53
C PRO A 44 2.34 5.82 -3.68
N PRO A 45 2.56 4.90 -2.73
CA PRO A 45 3.79 4.95 -1.94
C PRO A 45 5.02 4.83 -2.82
N ARG A 46 6.05 5.62 -2.48
CA ARG A 46 7.29 5.67 -3.22
C ARG A 46 8.40 5.05 -2.39
N LEU A 47 9.10 4.07 -2.97
CA LEU A 47 10.22 3.43 -2.29
C LEU A 47 11.40 4.40 -2.24
N LEU A 48 11.91 4.64 -1.03
CA LEU A 48 13.06 5.52 -0.82
C LEU A 48 14.37 4.76 -0.66
N ILE A 49 14.38 3.74 0.20
CA ILE A 49 15.59 3.03 0.56
C ILE A 49 15.25 1.57 0.79
N TYR A 50 16.08 0.67 0.25
CA TYR A 50 15.93 -0.75 0.44
C TYR A 50 17.14 -1.30 1.18
N GLY A 51 16.95 -2.45 1.82
CA GLY A 51 17.98 -2.96 2.69
C GLY A 51 18.20 -2.02 3.86
N ALA A 52 19.35 -2.17 4.51
CA ALA A 52 19.67 -1.29 5.63
C ALA A 52 19.87 0.13 5.15
N SER A 53 20.76 0.33 4.18
CA SER A 53 21.19 1.66 3.77
C SER A 53 21.14 1.91 2.28
N SER A 54 20.82 0.90 1.47
CA SER A 54 20.85 1.07 0.01
C SER A 54 19.72 1.99 -0.45
N ARG A 55 20.08 2.93 -1.32
CA ARG A 55 19.16 3.96 -1.79
C ARG A 55 18.53 3.53 -3.11
N ALA A 56 17.21 3.74 -3.22
CA ALA A 56 16.51 3.41 -4.44
C ALA A 56 16.88 4.40 -5.56
N SER A 57 16.67 3.96 -6.80
CA SER A 57 17.05 4.76 -7.95
C SER A 57 16.23 6.03 -8.03
N GLY A 58 16.90 7.16 -8.21
CA GLY A 58 16.24 8.45 -8.37
C GLY A 58 16.03 9.23 -7.09
N ILE A 59 16.34 8.66 -5.93
CA ILE A 59 16.12 9.37 -4.66
C ILE A 59 17.28 10.34 -4.44
N PRO A 60 16.99 11.59 -4.09
CA PRO A 60 18.07 12.58 -3.89
C PRO A 60 19.01 12.18 -2.77
N GLY A 61 20.12 12.95 -2.65
CA GLY A 61 21.14 12.66 -1.66
C GLY A 61 20.72 12.91 -0.23
N ARG A 62 19.65 13.68 -0.02
CA ARG A 62 19.17 13.97 1.33
C ARG A 62 18.84 12.68 2.08
N PHE A 63 18.04 11.81 1.47
CA PHE A 63 17.57 10.62 2.14
C PHE A 63 18.73 9.64 2.34
N SER A 64 18.87 9.15 3.56
CA SER A 64 19.89 8.16 3.90
C SER A 64 19.34 7.25 4.99
N GLY A 65 19.76 5.99 4.96
CA GLY A 65 19.29 5.00 5.90
C GLY A 65 20.44 4.40 6.70
N SER A 66 20.14 4.05 7.94
CA SER A 66 21.13 3.47 8.84
C SER A 66 20.43 2.48 9.77
N GLY A 67 21.22 1.59 10.36
CA GLY A 67 20.73 0.68 11.36
C GLY A 67 21.00 -0.77 11.01
N SER A 68 20.81 -1.62 12.03
CA SER A 68 20.96 -3.06 11.89
C SER A 68 20.29 -3.71 13.09
N GLY A 69 20.11 -5.02 13.00
CA GLY A 69 19.52 -5.77 14.10
C GLY A 69 18.07 -5.39 14.33
N THR A 70 17.80 -4.78 15.48
CA THR A 70 16.46 -4.35 15.85
C THR A 70 16.24 -2.85 15.76
N ASP A 71 17.29 -2.07 15.53
CA ASP A 71 17.19 -0.61 15.49
C ASP A 71 17.55 -0.11 14.10
N PHE A 72 16.75 0.79 13.57
CA PHE A 72 16.96 1.35 12.24
C PHE A 72 16.51 2.80 12.23
N THR A 73 17.16 3.60 11.38
CA THR A 73 16.93 5.03 11.35
C THR A 73 16.87 5.53 9.90
N LEU A 74 15.98 6.47 9.66
CA LEU A 74 15.91 7.20 8.39
C LEU A 74 16.26 8.66 8.66
N THR A 75 17.18 9.20 7.87
CA THR A 75 17.69 10.55 8.10
C THR A 75 17.60 11.37 6.82
N ILE A 76 16.99 12.55 6.93
CA ILE A 76 16.94 13.53 5.86
C ILE A 76 17.79 14.71 6.30
N SER A 77 18.96 14.89 5.66
CA SER A 77 19.88 15.94 6.09
C SER A 77 19.28 17.33 5.87
N ARG A 78 18.64 17.54 4.73
CA ARG A 78 18.01 18.82 4.40
C ARG A 78 16.56 18.56 4.01
N LEU A 79 15.64 19.35 4.55
CA LEU A 79 14.23 19.21 4.25
C LEU A 79 13.78 20.27 3.25
N GLU A 80 12.85 19.88 2.38
CA GLU A 80 12.28 20.75 1.36
C GLU A 80 10.79 20.47 1.28
N PRO A 81 10.01 21.38 0.67
CA PRO A 81 8.53 21.19 0.67
C PRO A 81 8.08 19.82 0.19
N GLU A 82 8.78 19.22 -0.76
CA GLU A 82 8.37 17.91 -1.28
C GLU A 82 8.51 16.82 -0.24
N ASP A 83 9.45 16.97 0.70
CA ASP A 83 9.74 15.90 1.65
C ASP A 83 8.65 15.71 2.70
N PHE A 84 7.72 16.65 2.85
CA PHE A 84 6.71 16.58 3.88
C PHE A 84 5.63 15.58 3.47
N ALA A 85 5.61 14.43 4.15
CA ALA A 85 4.68 13.35 3.84
C ALA A 85 4.68 12.38 5.02
N VAL A 86 4.02 11.25 4.84
CA VAL A 86 4.03 10.17 5.82
C VAL A 86 5.03 9.12 5.37
N TYR A 87 5.80 8.59 6.32
CA TYR A 87 6.89 7.66 6.02
C TYR A 87 6.67 6.34 6.75
N TYR A 88 6.79 5.24 6.00
CA TYR A 88 6.60 3.90 6.53
C TYR A 88 7.89 3.11 6.40
N CYS A 89 8.14 2.23 7.37
CA CYS A 89 9.21 1.24 7.27
C CYS A 89 8.59 -0.15 7.16
N GLN A 90 9.16 -0.98 6.29
CA GLN A 90 8.67 -2.33 6.05
C GLN A 90 9.83 -3.30 6.11
N GLN A 91 9.63 -4.41 6.79
CA GLN A 91 10.62 -5.46 6.89
C GLN A 91 10.23 -6.65 6.02
N TYR A 92 11.21 -7.23 5.34
CA TYR A 92 11.01 -8.43 4.55
C TYR A 92 11.99 -9.53 4.94
N GLY A 93 12.52 -9.47 6.15
CA GLY A 93 13.41 -10.51 6.62
C GLY A 93 12.69 -11.71 7.19
N GLY A 94 11.51 -11.50 7.76
CA GLY A 94 10.72 -12.60 8.27
C GLY A 94 10.09 -13.39 7.15
N SER A 95 9.30 -14.40 7.55
CA SER A 95 8.60 -15.22 6.55
C SER A 95 7.51 -14.43 5.84
N PHE A 96 6.86 -13.50 6.54
CA PHE A 96 5.90 -12.60 5.93
C PHE A 96 6.27 -11.16 6.27
N GLY A 97 6.02 -10.25 5.33
CA GLY A 97 6.39 -8.87 5.53
C GLY A 97 5.39 -8.10 6.37
N THR A 98 5.90 -7.12 7.13
CA THR A 98 5.05 -6.27 7.95
C THR A 98 5.49 -4.82 7.78
N PHE A 99 4.54 -3.92 7.98
CA PHE A 99 4.78 -2.48 7.91
C PHE A 99 4.79 -1.89 9.31
N GLY A 100 5.30 -0.66 9.40
CA GLY A 100 5.22 0.10 10.62
C GLY A 100 3.99 0.98 10.66
N GLN A 101 3.75 1.57 11.83
CA GLN A 101 2.59 2.44 11.99
C GLN A 101 2.70 3.69 11.12
N GLY A 102 3.90 4.18 10.89
CA GLY A 102 4.11 5.34 10.06
C GLY A 102 4.41 6.58 10.88
N THR A 103 5.15 7.50 10.27
CA THR A 103 5.49 8.79 10.88
C THR A 103 5.14 9.89 9.90
N LYS A 104 4.38 10.87 10.35
CA LYS A 104 4.00 12.01 9.53
C LYS A 104 4.92 13.18 9.84
N VAL A 105 5.58 13.71 8.81
CA VAL A 105 6.35 14.93 8.94
C VAL A 105 5.55 16.06 8.31
N GLU A 106 5.46 17.18 9.02
CA GLU A 106 4.60 18.28 8.61
C GLU A 106 5.34 19.60 8.74
N PHE A 107 4.87 20.58 7.97
CA PHE A 107 5.42 21.93 8.02
C PHE A 107 5.16 22.55 9.38
N ARG A 108 6.17 23.23 9.92
CA ARG A 108 6.07 23.88 11.22
C ARG A 108 6.00 25.39 11.03
N ARG A 109 5.08 26.03 11.75
CA ARG A 109 4.86 27.46 11.61
C ARG A 109 4.53 28.04 12.99
N THR A 110 4.33 29.36 13.03
CA THR A 110 3.92 30.00 14.26
C THR A 110 2.50 29.59 14.62
N VAL A 111 2.24 29.41 15.92
CA VAL A 111 0.93 28.99 16.38
C VAL A 111 -0.10 30.06 16.06
N ALA A 112 -1.16 29.65 15.37
CA ALA A 112 -2.24 30.56 14.98
C ALA A 112 -3.57 30.05 15.51
N ALA A 113 -4.38 30.97 16.01
CA ALA A 113 -5.69 30.64 16.56
C ALA A 113 -6.69 30.41 15.44
N PRO A 114 -7.68 29.53 15.66
CA PRO A 114 -8.70 29.30 14.64
C PRO A 114 -9.71 30.44 14.60
N SER A 115 -10.16 30.75 13.38
CA SER A 115 -11.32 31.62 13.19
C SER A 115 -12.55 30.72 13.21
N VAL A 116 -13.40 30.90 14.22
CA VAL A 116 -14.51 29.98 14.48
C VAL A 116 -15.79 30.59 13.94
N PHE A 117 -16.52 29.82 13.13
CA PHE A 117 -17.82 30.19 12.62
C PHE A 117 -18.81 29.06 12.92
N ILE A 118 -20.07 29.43 13.12
CA ILE A 118 -21.13 28.45 13.36
C ILE A 118 -22.27 28.71 12.38
N PHE A 119 -22.72 27.66 11.70
CA PHE A 119 -23.78 27.75 10.70
C PHE A 119 -25.02 27.03 11.22
N PRO A 120 -26.15 27.71 11.31
CA PRO A 120 -27.38 27.06 11.77
C PRO A 120 -28.04 26.28 10.64
N PRO A 121 -28.97 25.37 10.96
CA PRO A 121 -29.66 24.62 9.91
C PRO A 121 -30.38 25.54 8.94
N SER A 122 -30.24 25.23 7.65
CA SER A 122 -30.88 26.01 6.60
C SER A 122 -32.36 25.68 6.50
N ASP A 123 -33.10 26.59 5.86
CA ASP A 123 -34.55 26.40 5.73
C ASP A 123 -34.87 25.18 4.88
N GLU A 124 -34.14 25.00 3.77
CA GLU A 124 -34.37 23.82 2.93
C GLU A 124 -34.13 22.54 3.70
N GLN A 125 -33.07 22.50 4.51
CA GLN A 125 -32.78 21.31 5.29
C GLN A 125 -33.83 21.08 6.37
N LEU A 126 -34.41 22.15 6.91
CA LEU A 126 -35.46 22.00 7.91
C LEU A 126 -36.74 21.45 7.30
N LYS A 127 -36.95 21.63 5.99
CA LYS A 127 -38.10 21.03 5.33
C LYS A 127 -37.98 19.51 5.26
N SER A 128 -36.75 19.00 5.24
CA SER A 128 -36.53 17.56 5.11
C SER A 128 -36.80 16.81 6.41
N GLY A 129 -36.71 17.47 7.55
CA GLY A 129 -36.92 16.83 8.84
C GLY A 129 -35.67 16.44 9.59
N THR A 130 -34.49 16.83 9.10
CA THR A 130 -33.24 16.58 9.79
C THR A 130 -32.46 17.89 9.88
N ALA A 131 -31.91 18.17 11.05
CA ALA A 131 -31.16 19.40 11.29
C ALA A 131 -29.71 19.05 11.60
N SER A 132 -28.79 19.72 10.92
CA SER A 132 -27.35 19.54 11.15
C SER A 132 -26.72 20.91 11.30
N VAL A 133 -26.01 21.11 12.42
CA VAL A 133 -25.31 22.35 12.70
C VAL A 133 -23.83 22.13 12.43
N VAL A 134 -23.20 23.12 11.80
CA VAL A 134 -21.82 23.01 11.35
C VAL A 134 -20.98 24.05 12.08
N CYS A 135 -19.93 23.60 12.76
CA CYS A 135 -18.95 24.46 13.42
C CYS A 135 -17.67 24.42 12.61
N LEU A 136 -17.22 25.57 12.14
CA LEU A 136 -16.07 25.66 11.24
C LEU A 136 -14.89 26.31 11.96
N LEU A 137 -13.75 25.63 11.93
CA LEU A 137 -12.49 26.15 12.44
C LEU A 137 -11.56 26.34 11.24
N ASN A 138 -11.07 27.56 11.03
CA ASN A 138 -10.37 27.91 9.81
C ASN A 138 -8.97 28.43 10.12
N ASN A 139 -7.99 27.90 9.38
CA ASN A 139 -6.62 28.42 9.40
C ASN A 139 -6.00 28.38 10.80
N PHE A 140 -6.02 27.20 11.42
CA PHE A 140 -5.43 27.02 12.73
C PHE A 140 -4.25 26.06 12.66
N TYR A 141 -3.26 26.29 13.53
CA TYR A 141 -2.08 25.45 13.67
C TYR A 141 -1.69 25.54 15.13
N PRO A 142 -1.35 24.40 15.78
CA PRO A 142 -1.20 23.06 15.24
C PRO A 142 -2.52 22.34 14.93
N ARG A 143 -2.42 21.09 14.45
CA ARG A 143 -3.59 20.36 14.00
C ARG A 143 -4.52 20.00 15.16
N GLU A 144 -3.97 19.81 16.35
CA GLU A 144 -4.77 19.31 17.48
C GLU A 144 -5.69 20.41 17.99
N ALA A 145 -7.00 20.17 17.89
CA ALA A 145 -8.00 21.10 18.37
C ALA A 145 -9.22 20.30 18.82
N LYS A 146 -9.87 20.75 19.89
CA LYS A 146 -11.03 20.07 20.44
C LYS A 146 -12.26 20.95 20.27
N VAL A 147 -13.32 20.35 19.73
CA VAL A 147 -14.61 21.01 19.56
C VAL A 147 -15.63 20.29 20.42
N GLN A 148 -16.35 21.04 21.24
CA GLN A 148 -17.36 20.50 22.13
C GLN A 148 -18.71 21.14 21.81
N TRP A 149 -19.73 20.30 21.68
CA TRP A 149 -21.07 20.77 21.33
C TRP A 149 -21.92 20.88 22.59
N LYS A 150 -22.51 22.05 22.79
CA LYS A 150 -23.44 22.27 23.90
C LYS A 150 -24.75 22.81 23.35
N VAL A 151 -25.86 22.27 23.85
CA VAL A 151 -27.20 22.64 23.40
C VAL A 151 -28.03 22.93 24.65
N ASP A 152 -28.36 24.19 24.88
CA ASP A 152 -29.07 24.63 26.08
C ASP A 152 -28.34 24.16 27.34
N ASN A 153 -27.02 24.40 27.35
CA ASN A 153 -26.15 24.05 28.49
C ASN A 153 -26.11 22.54 28.71
N ALA A 154 -26.13 21.77 27.63
CA ALA A 154 -26.09 20.31 27.72
C ALA A 154 -24.97 19.79 26.83
N LEU A 155 -24.05 19.02 27.41
CA LEU A 155 -22.94 18.47 26.67
C LEU A 155 -23.44 17.39 25.72
N GLN A 156 -23.03 17.47 24.45
CA GLN A 156 -23.43 16.51 23.44
C GLN A 156 -22.31 15.52 23.19
N SER A 157 -22.64 14.23 23.21
CA SER A 157 -21.66 13.17 23.00
C SER A 157 -22.26 12.07 22.15
N GLY A 158 -21.50 11.61 21.17
CA GLY A 158 -21.88 10.47 20.36
C GLY A 158 -22.85 10.78 19.23
N ASN A 159 -23.07 12.05 18.92
CA ASN A 159 -23.99 12.45 17.86
C ASN A 159 -23.39 13.55 17.01
N SER A 160 -22.08 13.49 16.80
CA SER A 160 -21.39 14.46 15.97
C SER A 160 -20.22 13.79 15.26
N GLN A 161 -19.84 14.36 14.13
CA GLN A 161 -18.72 13.88 13.34
C GLN A 161 -17.92 15.06 12.82
N GLU A 162 -16.60 14.87 12.71
CA GLU A 162 -15.71 15.94 12.28
C GLU A 162 -14.68 15.40 11.31
N SER A 163 -14.20 16.29 10.43
CA SER A 163 -13.15 15.97 9.47
C SER A 163 -12.18 17.14 9.39
N VAL A 164 -10.93 16.83 9.03
CA VAL A 164 -9.85 17.80 9.02
C VAL A 164 -9.22 17.84 7.63
N THR A 165 -8.97 19.05 7.15
CA THR A 165 -8.28 19.23 5.87
C THR A 165 -6.81 18.87 6.00
N GLU A 166 -6.21 18.44 4.90
CA GLU A 166 -4.77 18.26 4.85
C GLU A 166 -4.08 19.61 4.97
N GLN A 167 -2.81 19.57 5.39
CA GLN A 167 -2.09 20.81 5.67
C GLN A 167 -1.95 21.64 4.40
N ASP A 168 -2.35 22.91 4.50
CA ASP A 168 -2.31 23.79 3.33
C ASP A 168 -0.88 24.00 2.88
N SER A 169 -0.68 24.05 1.56
CA SER A 169 0.67 24.20 1.03
C SER A 169 1.16 25.65 1.16
N LYS A 170 0.25 26.61 1.12
CA LYS A 170 0.68 28.01 1.13
C LYS A 170 1.01 28.52 2.53
N ASP A 171 0.22 28.14 3.54
CA ASP A 171 0.40 28.67 4.88
C ASP A 171 0.56 27.60 5.95
N SER A 172 0.51 26.32 5.58
CA SER A 172 0.79 25.21 6.51
C SER A 172 -0.18 25.16 7.68
N THR A 173 -1.42 25.58 7.46
CA THR A 173 -2.44 25.55 8.50
C THR A 173 -3.44 24.42 8.23
N TYR A 174 -4.37 24.24 9.17
CA TYR A 174 -5.39 23.22 9.07
C TYR A 174 -6.77 23.86 9.22
N SER A 175 -7.77 23.20 8.64
CA SER A 175 -9.16 23.58 8.82
C SER A 175 -9.94 22.36 9.30
N LEU A 176 -10.93 22.60 10.16
CA LEU A 176 -11.74 21.53 10.73
C LEU A 176 -13.21 21.88 10.58
N SER A 177 -14.01 20.87 10.26
CA SER A 177 -15.46 21.00 10.15
C SER A 177 -16.10 19.94 11.02
N SER A 178 -16.95 20.37 11.94
CA SER A 178 -17.68 19.46 12.82
C SER A 178 -19.18 19.63 12.59
N THR A 179 -19.88 18.50 12.47
CA THR A 179 -21.31 18.48 12.19
C THR A 179 -22.04 17.80 13.33
N LEU A 180 -23.05 18.48 13.87
CA LEU A 180 -23.91 17.94 14.92
C LEU A 180 -25.26 17.59 14.30
N THR A 181 -25.64 16.31 14.37
CA THR A 181 -26.85 15.82 13.74
C THR A 181 -27.94 15.62 14.78
N LEU A 182 -29.12 16.17 14.51
CA LEU A 182 -30.28 15.99 15.38
C LEU A 182 -31.54 15.92 14.52
N SER A 183 -32.55 15.25 15.04
CA SER A 183 -33.83 15.19 14.35
C SER A 183 -34.54 16.54 14.42
N LYS A 184 -35.51 16.73 13.53
CA LYS A 184 -36.29 17.96 13.53
C LYS A 184 -37.04 18.13 14.84
N ALA A 185 -37.52 17.03 15.42
CA ALA A 185 -38.21 17.08 16.71
C ALA A 185 -37.32 17.65 17.79
N ASP A 186 -36.12 17.09 17.96
CA ASP A 186 -35.22 17.55 19.00
C ASP A 186 -34.76 18.98 18.75
N TYR A 187 -34.63 19.38 17.48
CA TYR A 187 -34.14 20.72 17.19
C TYR A 187 -35.16 21.79 17.58
N GLU A 188 -36.45 21.49 17.43
CA GLU A 188 -37.48 22.48 17.78
C GLU A 188 -37.50 22.74 19.29
N LYS A 189 -37.17 21.74 20.10
CA LYS A 189 -37.34 21.86 21.53
C LYS A 189 -36.32 22.81 22.14
N HIS A 190 -35.08 22.77 21.68
CA HIS A 190 -34.02 23.58 22.27
C HIS A 190 -33.91 24.93 21.58
N LYS A 191 -33.21 25.85 22.25
CA LYS A 191 -33.08 27.23 21.80
C LYS A 191 -31.65 27.64 21.49
N VAL A 192 -30.71 27.32 22.36
CA VAL A 192 -29.32 27.77 22.23
C VAL A 192 -28.48 26.62 21.71
N TYR A 193 -27.74 26.86 20.62
CA TYR A 193 -26.81 25.90 20.06
C TYR A 193 -25.44 26.55 19.96
N ALA A 194 -24.41 25.87 20.46
CA ALA A 194 -23.08 26.45 20.50
C ALA A 194 -22.02 25.36 20.42
N CYS A 195 -20.87 25.72 19.87
CA CYS A 195 -19.69 24.87 19.85
C CYS A 195 -18.55 25.58 20.56
N GLU A 196 -17.89 24.88 21.46
CA GLU A 196 -16.76 25.40 22.22
C GLU A 196 -15.46 24.90 21.60
N VAL A 197 -14.55 25.83 21.30
CA VAL A 197 -13.28 25.52 20.66
C VAL A 197 -12.15 25.77 21.64
N THR A 198 -11.33 24.75 21.85
CA THR A 198 -10.12 24.87 22.67
C THR A 198 -8.91 24.58 21.79
N HIS A 199 -7.92 25.47 21.83
CA HIS A 199 -6.76 25.36 20.97
C HIS A 199 -5.58 26.06 21.64
N GLN A 200 -4.38 25.66 21.24
CA GLN A 200 -3.17 26.25 21.81
C GLN A 200 -3.09 27.75 21.53
N GLY A 201 -3.53 28.17 20.34
CA GLY A 201 -3.49 29.57 19.98
C GLY A 201 -4.48 30.44 20.73
N LEU A 202 -5.55 29.84 21.25
CA LEU A 202 -6.57 30.58 21.99
C LEU A 202 -6.20 30.63 23.47
N SER A 203 -6.14 31.84 24.03
CA SER A 203 -5.79 31.98 25.43
C SER A 203 -6.88 31.42 26.33
N SER A 204 -8.13 31.67 25.99
CA SER A 204 -9.28 31.17 26.70
C SER A 204 -10.20 30.43 25.73
N PRO A 205 -11.04 29.53 26.23
CA PRO A 205 -11.96 28.82 25.35
C PRO A 205 -12.88 29.79 24.60
N VAL A 206 -13.01 29.56 23.30
CA VAL A 206 -13.84 30.39 22.43
C VAL A 206 -15.15 29.66 22.19
N THR A 207 -16.27 30.38 22.35
CA THR A 207 -17.59 29.80 22.19
C THR A 207 -18.39 30.63 21.18
N LYS A 208 -18.94 29.96 20.18
CA LYS A 208 -19.82 30.59 19.20
C LYS A 208 -21.19 29.95 19.30
N SER A 209 -22.22 30.79 19.43
CA SER A 209 -23.57 30.31 19.68
C SER A 209 -24.56 31.00 18.74
N PHE A 210 -25.74 30.40 18.62
CA PHE A 210 -26.88 31.05 17.97
C PHE A 210 -28.15 30.63 18.69
N ASN A 211 -29.18 31.46 18.56
CA ASN A 211 -30.48 31.22 19.18
C ASN A 211 -31.54 31.08 18.10
N ARG A 212 -32.30 29.99 18.16
CA ARG A 212 -33.43 29.81 17.27
C ARG A 212 -34.42 28.80 17.84
N GLN B 1 8.36 4.05 -18.81
CA GLN B 1 9.05 3.03 -18.03
C GLN B 1 8.06 1.94 -17.63
N VAL B 2 8.51 1.00 -16.82
CA VAL B 2 7.64 -0.04 -16.30
C VAL B 2 6.61 0.58 -15.37
N GLN B 3 5.34 0.23 -15.58
CA GLN B 3 4.27 0.77 -14.76
C GLN B 3 3.22 -0.31 -14.52
N LEU B 4 2.48 -0.16 -13.44
CA LEU B 4 1.44 -1.10 -13.03
C LEU B 4 0.10 -0.38 -13.07
N VAL B 5 -0.85 -0.94 -13.83
CA VAL B 5 -2.18 -0.35 -13.99
C VAL B 5 -3.20 -1.29 -13.36
N GLN B 6 -3.97 -0.77 -12.42
CA GLN B 6 -4.95 -1.57 -11.69
C GLN B 6 -6.36 -1.32 -12.23
N SER B 7 -7.29 -2.10 -11.70
CA SER B 7 -8.69 -1.99 -12.12
C SER B 7 -9.32 -0.73 -11.55
N GLY B 8 -10.52 -0.41 -12.05
CA GLY B 8 -11.24 0.76 -11.60
C GLY B 8 -11.86 0.56 -10.23
N PRO B 9 -12.50 1.61 -9.74
CA PRO B 9 -13.14 1.54 -8.41
C PRO B 9 -14.30 0.57 -8.41
N GLU B 10 -14.48 -0.12 -7.28
CA GLU B 10 -15.50 -1.16 -7.15
C GLU B 10 -16.27 -0.96 -5.86
N VAL B 11 -17.60 -1.06 -5.93
CA VAL B 11 -18.47 -1.06 -4.77
C VAL B 11 -19.24 -2.37 -4.78
N LYS B 12 -19.16 -3.12 -3.68
CA LYS B 12 -19.75 -4.45 -3.63
C LYS B 12 -20.53 -4.63 -2.33
N LYS B 13 -21.50 -5.54 -2.38
CA LYS B 13 -22.34 -5.85 -1.24
C LYS B 13 -21.61 -6.77 -0.27
N PRO B 14 -22.01 -6.77 1.00
CA PRO B 14 -21.42 -7.71 1.96
C PRO B 14 -21.69 -9.15 1.57
N GLY B 15 -20.66 -9.98 1.70
CA GLY B 15 -20.76 -11.38 1.30
C GLY B 15 -20.48 -11.65 -0.16
N SER B 16 -20.10 -10.63 -0.93
CA SER B 16 -19.79 -10.81 -2.34
C SER B 16 -18.34 -11.22 -2.52
N SER B 17 -17.95 -11.45 -3.77
CA SER B 17 -16.59 -11.84 -4.12
C SER B 17 -15.94 -10.75 -4.96
N LEU B 18 -14.68 -10.45 -4.66
CA LEU B 18 -13.93 -9.39 -5.31
C LEU B 18 -12.76 -9.97 -6.08
N LYS B 19 -12.48 -9.39 -7.25
CA LYS B 19 -11.31 -9.77 -8.05
C LYS B 19 -10.71 -8.50 -8.62
N VAL B 20 -9.43 -8.27 -8.32
CA VAL B 20 -8.72 -7.08 -8.76
C VAL B 20 -7.57 -7.51 -9.67
N SER B 21 -7.32 -6.74 -10.73
CA SER B 21 -6.29 -7.06 -11.71
C SER B 21 -5.22 -5.98 -11.72
N CYS B 22 -3.99 -6.38 -12.03
CA CYS B 22 -2.84 -5.49 -12.04
C CYS B 22 -1.94 -5.92 -13.19
N LYS B 23 -1.86 -5.11 -14.24
CA LYS B 23 -1.07 -5.44 -15.41
C LYS B 23 0.19 -4.60 -15.44
N ALA B 24 1.31 -5.22 -15.81
CA ALA B 24 2.60 -4.55 -15.91
C ALA B 24 2.84 -4.20 -17.37
N SER B 25 2.56 -2.95 -17.73
CA SER B 25 2.73 -2.52 -19.11
C SER B 25 4.20 -2.58 -19.53
N GLY B 26 5.10 -2.13 -18.66
CA GLY B 26 6.50 -2.01 -18.99
C GLY B 26 7.18 -3.30 -19.40
N GLY B 27 7.54 -4.14 -18.42
CA GLY B 27 8.27 -5.36 -18.70
C GLY B 27 7.66 -6.56 -18.01
N SER B 28 8.18 -7.73 -18.37
CA SER B 28 7.75 -8.97 -17.77
C SER B 28 8.14 -9.00 -16.29
N PHE B 29 7.16 -9.14 -15.42
CA PHE B 29 7.40 -9.29 -13.99
C PHE B 29 7.54 -10.75 -13.58
N SER B 30 7.76 -11.65 -14.55
CA SER B 30 7.81 -13.08 -14.25
C SER B 30 8.93 -13.39 -13.26
N THR B 31 10.04 -12.67 -13.33
CA THR B 31 11.18 -12.97 -12.45
C THR B 31 11.03 -12.34 -11.07
N TYR B 32 10.33 -11.21 -10.96
CA TYR B 32 10.23 -10.47 -9.71
C TYR B 32 8.90 -10.77 -9.01
N THR B 33 8.91 -10.60 -7.68
CA THR B 33 7.68 -10.82 -6.92
C THR B 33 6.68 -9.71 -7.20
N LEU B 34 5.41 -10.01 -6.93
CA LEU B 34 4.30 -9.08 -7.09
C LEU B 34 3.48 -9.13 -5.83
N SER B 35 3.49 -8.05 -5.06
CA SER B 35 2.87 -8.00 -3.73
C SER B 35 1.62 -7.14 -3.76
N TRP B 36 0.79 -7.31 -2.73
CA TRP B 36 -0.47 -6.59 -2.59
C TRP B 36 -0.50 -5.94 -1.22
N VAL B 37 -0.70 -4.62 -1.20
CA VAL B 37 -0.74 -3.84 0.04
C VAL B 37 -2.07 -3.10 0.08
N ARG B 38 -2.79 -3.24 1.18
CA ARG B 38 -4.06 -2.53 1.36
C ARG B 38 -3.91 -1.47 2.45
N GLN B 39 -4.83 -0.51 2.42
CA GLN B 39 -4.85 0.59 3.39
C GLN B 39 -6.31 0.93 3.67
N THR B 40 -6.77 0.61 4.89
CA THR B 40 -8.12 0.93 5.31
C THR B 40 -8.22 2.42 5.64
N PRO B 41 -9.43 2.99 5.62
CA PRO B 41 -9.58 4.44 5.86
C PRO B 41 -8.99 4.85 7.21
N GLY B 42 -8.17 5.90 7.17
CA GLY B 42 -7.54 6.43 8.36
C GLY B 42 -6.50 5.55 9.00
N GLN B 43 -6.03 4.52 8.30
CA GLN B 43 -5.05 3.58 8.83
C GLN B 43 -3.79 3.59 7.96
N GLY B 44 -2.87 2.68 8.30
CA GLY B 44 -1.61 2.58 7.60
C GLY B 44 -1.58 1.42 6.60
N LEU B 45 -0.44 1.31 5.93
CA LEU B 45 -0.23 0.24 4.96
C LEU B 45 -0.23 -1.12 5.66
N GLU B 46 -0.69 -2.13 4.95
CA GLU B 46 -0.76 -3.49 5.49
C GLU B 46 -0.37 -4.47 4.39
N TRP B 47 0.59 -5.34 4.69
CA TRP B 47 1.11 -6.29 3.71
C TRP B 47 0.22 -7.52 3.69
N MET B 48 -0.50 -7.72 2.59
CA MET B 48 -1.39 -8.87 2.46
C MET B 48 -0.63 -10.12 2.03
N GLY B 49 0.31 -9.98 1.12
CA GLY B 49 1.07 -11.11 0.62
C GLY B 49 1.53 -10.84 -0.79
N GLY B 50 2.09 -11.88 -1.40
CA GLY B 50 2.65 -11.75 -2.74
C GLY B 50 2.62 -13.06 -3.49
N ILE B 51 2.93 -12.97 -4.77
CA ILE B 51 2.99 -14.12 -5.66
C ILE B 51 4.28 -14.06 -6.46
N ILE B 52 4.93 -15.21 -6.64
CA ILE B 52 6.09 -15.32 -7.52
C ILE B 52 5.59 -15.82 -8.87
N PRO B 53 5.50 -14.97 -9.89
CA PRO B 53 4.73 -15.32 -11.09
C PRO B 53 5.25 -16.52 -11.86
N LEU B 54 6.55 -16.57 -12.15
CA LEU B 54 7.11 -17.70 -12.89
C LEU B 54 6.86 -19.01 -12.14
N LEU B 55 7.25 -19.05 -10.86
CA LEU B 55 7.06 -20.27 -10.09
C LEU B 55 5.60 -20.47 -9.70
N GLY B 56 4.82 -19.40 -9.64
CA GLY B 56 3.46 -19.51 -9.15
C GLY B 56 3.36 -19.75 -7.67
N LEU B 57 4.40 -19.38 -6.91
CA LEU B 57 4.49 -19.68 -5.49
C LEU B 57 3.99 -18.49 -4.69
N PRO B 58 2.88 -18.61 -3.97
CA PRO B 58 2.35 -17.45 -3.22
C PRO B 58 2.79 -17.44 -1.77
N ASN B 59 2.75 -16.27 -1.15
CA ASN B 59 2.98 -16.11 0.28
C ASN B 59 1.90 -15.21 0.84
N TYR B 60 1.20 -15.69 1.87
CA TYR B 60 0.09 -14.97 2.48
C TYR B 60 0.45 -14.58 3.90
N ALA B 61 0.19 -13.32 4.24
CA ALA B 61 0.27 -12.93 5.64
C ALA B 61 -0.78 -13.68 6.45
N PRO B 62 -0.46 -14.11 7.67
CA PRO B 62 -1.40 -14.95 8.45
C PRO B 62 -2.79 -14.35 8.61
N LYS B 63 -2.90 -13.02 8.52
CA LYS B 63 -4.19 -12.36 8.66
C LYS B 63 -5.08 -12.52 7.42
N PHE B 64 -4.50 -12.82 6.27
CA PHE B 64 -5.24 -12.89 5.01
C PHE B 64 -5.22 -14.26 4.36
N GLN B 65 -4.70 -15.29 5.05
CA GLN B 65 -4.50 -16.59 4.41
C GLN B 65 -5.80 -17.24 4.00
N GLY B 66 -6.88 -17.04 4.76
CA GLY B 66 -8.12 -17.74 4.51
C GLY B 66 -8.95 -17.25 3.36
N ARG B 67 -9.16 -15.94 3.25
CA ARG B 67 -10.13 -15.38 2.33
C ARG B 67 -9.51 -14.77 1.08
N VAL B 68 -8.19 -14.68 0.99
CA VAL B 68 -7.52 -14.04 -0.13
C VAL B 68 -6.80 -15.10 -0.96
N THR B 69 -6.78 -14.90 -2.28
CA THR B 69 -6.08 -15.79 -3.20
C THR B 69 -5.38 -14.96 -4.26
N PHE B 70 -4.08 -15.20 -4.43
CA PHE B 70 -3.28 -14.51 -5.43
C PHE B 70 -2.99 -15.41 -6.61
N SER B 71 -2.86 -14.80 -7.78
CA SER B 71 -2.51 -15.51 -9.01
C SER B 71 -1.91 -14.52 -9.98
N ALA B 72 -1.27 -15.05 -11.03
CA ALA B 72 -0.63 -14.20 -12.03
C ALA B 72 -0.53 -14.97 -13.34
N ASP B 73 -0.71 -14.25 -14.44
CA ASP B 73 -0.58 -14.79 -15.79
C ASP B 73 0.65 -14.17 -16.44
N THR B 74 1.58 -15.02 -16.91
CA THR B 74 2.83 -14.55 -17.46
C THR B 74 2.73 -14.18 -18.94
N SER B 75 1.69 -14.62 -19.64
CA SER B 75 1.56 -14.33 -21.07
C SER B 75 0.96 -12.95 -21.32
N THR B 76 0.12 -12.45 -20.42
CA THR B 76 -0.46 -11.13 -20.54
C THR B 76 0.13 -10.14 -19.55
N ASN B 77 1.05 -10.59 -18.70
CA ASN B 77 1.67 -9.75 -17.67
C ASN B 77 0.60 -9.08 -16.81
N THR B 78 -0.21 -9.92 -16.16
CA THR B 78 -1.29 -9.43 -15.32
C THR B 78 -1.41 -10.31 -14.08
N ALA B 79 -1.48 -9.70 -12.91
CA ALA B 79 -1.69 -10.40 -11.66
C ALA B 79 -3.10 -10.15 -11.15
N TYR B 80 -3.59 -11.08 -10.34
CA TYR B 80 -4.96 -11.04 -9.85
C TYR B 80 -4.99 -11.36 -8.36
N MET B 81 -5.88 -10.67 -7.65
CA MET B 81 -6.16 -10.94 -6.24
C MET B 81 -7.65 -11.19 -6.10
N GLU B 82 -8.00 -12.36 -5.58
CA GLU B 82 -9.39 -12.71 -5.32
C GLU B 82 -9.64 -12.70 -3.82
N MET B 83 -10.83 -12.22 -3.43
CA MET B 83 -11.24 -12.21 -2.03
C MET B 83 -12.70 -12.60 -1.96
N SER B 84 -12.98 -13.74 -1.36
CA SER B 84 -14.34 -14.23 -1.19
C SER B 84 -14.88 -13.82 0.18
N ARG B 85 -16.21 -13.71 0.26
CA ARG B 85 -16.92 -13.33 1.47
C ARG B 85 -16.45 -11.97 1.99
N LEU B 86 -16.80 -10.95 1.20
CA LEU B 86 -16.40 -9.58 1.53
C LEU B 86 -17.07 -9.11 2.81
N ARG B 87 -16.34 -8.32 3.58
CA ARG B 87 -16.83 -7.77 4.84
C ARG B 87 -16.73 -6.26 4.81
N PHE B 88 -17.41 -5.62 5.77
CA PHE B 88 -17.28 -4.17 5.93
C PHE B 88 -15.84 -3.79 6.25
N GLU B 89 -15.12 -4.65 6.97
CA GLU B 89 -13.72 -4.38 7.30
C GLU B 89 -12.82 -4.40 6.08
N ASP B 90 -13.26 -5.02 4.99
CA ASP B 90 -12.47 -5.11 3.76
C ASP B 90 -12.47 -3.82 2.96
N THR B 91 -13.25 -2.82 3.37
CA THR B 91 -13.22 -1.52 2.70
C THR B 91 -11.83 -0.90 2.85
N ALA B 92 -11.17 -0.66 1.73
CA ALA B 92 -9.80 -0.14 1.75
C ALA B 92 -9.43 0.27 0.33
N VAL B 93 -8.19 0.73 0.19
CA VAL B 93 -7.55 0.98 -1.11
C VAL B 93 -6.48 -0.08 -1.29
N TYR B 94 -6.55 -0.83 -2.38
CA TYR B 94 -5.69 -1.98 -2.61
C TYR B 94 -4.62 -1.64 -3.64
N PHE B 95 -3.36 -1.82 -3.27
CA PHE B 95 -2.23 -1.55 -4.13
C PHE B 95 -1.58 -2.85 -4.58
N CYS B 96 -1.04 -2.83 -5.80
CA CYS B 96 -0.13 -3.87 -6.27
C CYS B 96 1.23 -3.25 -6.48
N ALA B 97 2.29 -4.00 -6.16
CA ALA B 97 3.64 -3.48 -6.21
C ALA B 97 4.59 -4.56 -6.71
N ARG B 98 5.34 -4.24 -7.77
CA ARG B 98 6.36 -5.15 -8.26
C ARG B 98 7.67 -4.94 -7.51
N GLU B 99 8.42 -6.03 -7.34
CA GLU B 99 9.68 -5.97 -6.63
C GLU B 99 10.68 -5.09 -7.38
N GLY B 100 11.44 -4.29 -6.64
CA GLY B 100 12.41 -3.42 -7.24
C GLY B 100 13.60 -4.19 -7.81
N ALA B 101 14.25 -3.56 -8.77
CA ALA B 101 15.41 -4.14 -9.45
C ALA B 101 16.60 -3.19 -9.29
N GLY B 102 17.72 -3.71 -8.80
CA GLY B 102 18.94 -2.94 -8.68
C GLY B 102 19.67 -2.85 -9.99
N TRP B 103 20.98 -2.60 -9.91
CA TRP B 103 21.79 -2.51 -11.11
C TRP B 103 21.96 -3.89 -11.74
N PHE B 104 21.79 -3.94 -13.05
CA PHE B 104 21.76 -5.19 -13.82
C PHE B 104 20.63 -6.11 -13.36
N GLY B 105 19.51 -5.51 -12.94
CA GLY B 105 18.32 -6.28 -12.65
C GLY B 105 18.39 -7.17 -11.43
N LYS B 106 19.17 -6.79 -10.42
CA LYS B 106 19.21 -7.60 -9.22
C LYS B 106 17.98 -7.31 -8.36
N PRO B 107 17.24 -8.34 -7.93
CA PRO B 107 16.04 -8.10 -7.12
C PRO B 107 16.39 -7.63 -5.72
N VAL B 108 15.91 -6.43 -5.37
CA VAL B 108 16.29 -5.83 -4.11
C VAL B 108 15.48 -6.41 -2.95
N GLY B 109 14.27 -6.89 -3.21
CA GLY B 109 13.41 -7.38 -2.16
C GLY B 109 12.30 -6.41 -1.83
N ALA B 110 12.61 -5.12 -1.86
CA ALA B 110 11.60 -4.10 -1.60
C ALA B 110 10.68 -3.95 -2.80
N MET B 111 9.57 -3.25 -2.59
CA MET B 111 8.56 -3.03 -3.63
C MET B 111 8.87 -1.71 -4.33
N GLY B 112 9.53 -1.81 -5.49
CA GLY B 112 10.00 -0.65 -6.20
C GLY B 112 8.97 0.11 -7.01
N TYR B 113 8.08 -0.62 -7.68
CA TYR B 113 7.09 -0.04 -8.58
C TYR B 113 5.69 -0.34 -8.08
N TRP B 114 4.85 0.69 -8.02
CA TRP B 114 3.53 0.60 -7.43
C TRP B 114 2.45 0.94 -8.44
N GLY B 115 1.29 0.29 -8.29
CA GLY B 115 0.12 0.66 -9.06
C GLY B 115 -0.59 1.85 -8.45
N GLN B 116 -1.53 2.40 -9.22
CA GLN B 116 -2.22 3.61 -8.78
C GLN B 116 -3.23 3.34 -7.67
N GLY B 117 -3.54 2.08 -7.38
CA GLY B 117 -4.45 1.75 -6.30
C GLY B 117 -5.88 1.60 -6.77
N THR B 118 -6.61 0.67 -6.17
CA THR B 118 -8.01 0.43 -6.47
C THR B 118 -8.82 0.63 -5.19
N THR B 119 -9.79 1.53 -5.24
CA THR B 119 -10.67 1.78 -4.10
C THR B 119 -11.78 0.73 -4.08
N VAL B 120 -11.89 0.02 -2.95
CA VAL B 120 -12.90 -1.01 -2.77
C VAL B 120 -13.81 -0.60 -1.62
N THR B 121 -15.10 -0.48 -1.90
CA THR B 121 -16.09 -0.11 -0.89
C THR B 121 -17.07 -1.26 -0.70
N VAL B 122 -17.23 -1.69 0.55
CA VAL B 122 -18.17 -2.75 0.90
C VAL B 122 -19.27 -2.13 1.74
N SER B 123 -20.50 -2.17 1.23
CA SER B 123 -21.63 -1.56 1.93
C SER B 123 -22.92 -2.18 1.42
N SER B 124 -23.94 -2.18 2.29
CA SER B 124 -25.28 -2.59 1.92
C SER B 124 -26.10 -1.45 1.33
N ALA B 125 -25.53 -0.25 1.25
CA ALA B 125 -26.24 0.92 0.76
C ALA B 125 -26.36 0.86 -0.76
N SER B 126 -27.25 1.70 -1.29
CA SER B 126 -27.49 1.83 -2.71
C SER B 126 -27.07 3.22 -3.19
N THR B 127 -26.87 3.33 -4.50
CA THR B 127 -26.49 4.61 -5.09
C THR B 127 -27.57 5.64 -4.83
N LYS B 128 -27.21 6.72 -4.14
CA LYS B 128 -28.16 7.77 -3.80
C LYS B 128 -27.55 9.13 -4.12
N GLY B 129 -28.39 10.03 -4.62
CA GLY B 129 -27.96 11.37 -4.94
C GLY B 129 -27.93 12.24 -3.71
N PRO B 130 -27.03 13.23 -3.70
CA PRO B 130 -26.86 14.07 -2.52
C PRO B 130 -27.87 15.22 -2.45
N SER B 131 -28.16 15.63 -1.23
CA SER B 131 -28.97 16.81 -0.96
C SER B 131 -28.04 17.95 -0.54
N VAL B 132 -28.10 19.07 -1.26
CA VAL B 132 -27.19 20.19 -1.04
C VAL B 132 -27.93 21.26 -0.24
N PHE B 133 -27.39 21.58 0.94
CA PHE B 133 -27.92 22.62 1.82
C PHE B 133 -26.92 23.76 1.96
N PRO B 134 -27.38 25.01 1.99
CA PRO B 134 -26.46 26.14 2.06
C PRO B 134 -26.09 26.53 3.48
N LEU B 135 -24.88 27.07 3.62
CA LEU B 135 -24.38 27.61 4.88
C LEU B 135 -24.25 29.12 4.70
N ALA B 136 -25.31 29.83 5.09
CA ALA B 136 -25.37 31.27 4.85
C ALA B 136 -24.40 32.02 5.76
N PRO B 137 -23.81 33.11 5.28
CA PRO B 137 -22.89 33.89 6.10
C PRO B 137 -23.63 34.81 7.06
N SER B 138 -22.85 35.45 7.93
CA SER B 138 -23.38 36.40 8.91
C SER B 138 -22.37 37.51 9.17
N GLY B 145 -13.58 43.15 6.51
CA GLY B 145 -13.96 42.01 7.32
C GLY B 145 -13.92 40.70 6.56
N THR B 146 -14.08 39.59 7.29
CA THR B 146 -14.07 38.25 6.71
C THR B 146 -15.38 37.55 7.04
N ALA B 147 -15.99 36.96 6.02
CA ALA B 147 -17.23 36.22 6.18
C ALA B 147 -17.05 34.82 5.60
N ALA B 148 -17.64 33.82 6.26
CA ALA B 148 -17.53 32.43 5.86
C ALA B 148 -18.88 31.93 5.37
N LEU B 149 -18.89 31.33 4.18
CA LEU B 149 -20.09 30.70 3.65
C LEU B 149 -19.68 29.39 2.95
N GLY B 150 -20.64 28.50 2.83
CA GLY B 150 -20.38 27.25 2.16
C GLY B 150 -21.67 26.51 1.86
N CYS B 151 -21.53 25.24 1.49
CA CYS B 151 -22.67 24.39 1.20
C CYS B 151 -22.40 22.97 1.69
N LEU B 152 -23.42 22.35 2.26
CA LEU B 152 -23.33 21.04 2.87
C LEU B 152 -23.91 20.00 1.92
N VAL B 153 -23.11 18.98 1.60
CA VAL B 153 -23.51 17.91 0.69
C VAL B 153 -23.74 16.66 1.53
N LYS B 154 -25.00 16.24 1.65
CA LYS B 154 -25.38 15.24 2.62
C LYS B 154 -26.14 14.09 1.96
N ASP B 155 -25.95 12.90 2.54
CA ASP B 155 -26.74 11.70 2.22
C ASP B 155 -26.57 11.27 0.76
N TYR B 156 -25.33 10.94 0.41
CA TYR B 156 -25.01 10.42 -0.91
C TYR B 156 -24.21 9.14 -0.76
N PHE B 157 -24.22 8.34 -1.84
CA PHE B 157 -23.47 7.10 -1.89
C PHE B 157 -23.31 6.69 -3.34
N PRO B 158 -22.13 6.22 -3.75
CA PRO B 158 -20.94 6.19 -2.90
C PRO B 158 -19.98 7.34 -3.22
N GLU B 159 -18.73 7.21 -2.78
CA GLU B 159 -17.71 8.20 -3.09
C GLU B 159 -17.37 8.17 -4.58
N PRO B 160 -16.86 9.28 -5.13
CA PRO B 160 -16.67 10.58 -4.47
C PRO B 160 -17.57 11.68 -5.06
N VAL B 161 -17.48 12.87 -4.49
CA VAL B 161 -18.16 14.05 -5.02
C VAL B 161 -17.14 15.16 -5.21
N THR B 162 -17.39 15.99 -6.22
CA THR B 162 -16.52 17.12 -6.54
C THR B 162 -17.26 18.42 -6.27
N VAL B 163 -16.60 19.35 -5.62
CA VAL B 163 -17.17 20.66 -5.30
C VAL B 163 -16.32 21.73 -5.94
N SER B 164 -16.97 22.67 -6.64
CA SER B 164 -16.32 23.83 -7.21
C SER B 164 -17.11 25.07 -6.86
N TRP B 165 -16.47 26.24 -6.98
CA TRP B 165 -17.07 27.50 -6.62
C TRP B 165 -17.00 28.46 -7.80
N ASN B 166 -18.16 28.99 -8.19
CA ASN B 166 -18.26 29.93 -9.31
C ASN B 166 -17.65 29.37 -10.59
N SER B 167 -17.95 28.10 -10.87
CA SER B 167 -17.47 27.39 -12.06
C SER B 167 -15.95 27.39 -12.14
N GLY B 168 -15.27 27.29 -11.00
CA GLY B 168 -13.82 27.28 -10.97
C GLY B 168 -13.16 28.64 -10.85
N ALA B 169 -13.94 29.72 -10.88
CA ALA B 169 -13.34 31.06 -10.78
C ALA B 169 -12.79 31.30 -9.38
N LEU B 170 -13.47 30.83 -8.36
CA LEU B 170 -13.06 31.02 -6.97
C LEU B 170 -12.18 29.85 -6.54
N THR B 171 -10.95 30.16 -6.13
CA THR B 171 -10.00 29.11 -5.76
C THR B 171 -9.18 29.42 -4.50
N SER B 172 -9.00 30.68 -4.13
CA SER B 172 -8.24 31.04 -2.94
C SER B 172 -9.15 31.02 -1.72
N GLY B 173 -8.71 30.34 -0.67
CA GLY B 173 -9.47 30.26 0.56
C GLY B 173 -10.60 29.26 0.57
N VAL B 174 -10.67 28.37 -0.40
CA VAL B 174 -11.70 27.33 -0.42
C VAL B 174 -11.16 26.11 0.32
N HIS B 175 -12.00 25.53 1.18
CA HIS B 175 -11.67 24.31 1.90
C HIS B 175 -12.79 23.31 1.72
N THR B 176 -12.48 22.15 1.14
CA THR B 176 -13.43 21.06 1.02
C THR B 176 -12.97 19.93 1.92
N PHE B 177 -13.83 19.55 2.88
CA PHE B 177 -13.43 18.62 3.91
C PHE B 177 -13.69 17.18 3.47
N PRO B 178 -12.93 16.23 4.03
CA PRO B 178 -13.20 14.82 3.73
C PRO B 178 -14.59 14.41 4.17
N ALA B 179 -15.17 13.47 3.44
CA ALA B 179 -16.49 12.96 3.77
C ALA B 179 -16.42 12.03 4.98
N VAL B 180 -17.52 11.98 5.73
CA VAL B 180 -17.65 11.10 6.88
C VAL B 180 -18.78 10.11 6.63
N LEU B 181 -18.53 8.84 6.90
CA LEU B 181 -19.55 7.81 6.77
C LEU B 181 -20.48 7.87 7.98
N GLN B 182 -21.78 7.95 7.71
CA GLN B 182 -22.76 8.11 8.78
C GLN B 182 -23.27 6.75 9.25
N SER B 183 -24.08 6.78 10.31
CA SER B 183 -24.62 5.53 10.87
C SER B 183 -25.56 4.85 9.89
N SER B 184 -26.30 5.64 9.09
CA SER B 184 -27.17 5.06 8.07
C SER B 184 -26.36 4.32 7.01
N GLY B 185 -25.17 4.83 6.69
CA GLY B 185 -24.36 4.23 5.65
C GLY B 185 -24.13 5.16 4.49
N LEU B 186 -24.55 6.42 4.64
CA LEU B 186 -24.45 7.43 3.59
C LEU B 186 -23.41 8.47 3.97
N TYR B 187 -22.66 8.93 2.96
CA TYR B 187 -21.58 9.87 3.20
C TYR B 187 -22.12 11.29 3.32
N SER B 188 -21.39 12.12 4.06
CA SER B 188 -21.72 13.54 4.24
C SER B 188 -20.44 14.35 4.11
N LEU B 189 -20.53 15.48 3.41
CA LEU B 189 -19.37 16.29 3.09
C LEU B 189 -19.74 17.76 3.24
N SER B 190 -18.73 18.58 3.55
CA SER B 190 -18.92 20.01 3.71
C SER B 190 -17.81 20.76 2.97
N SER B 191 -18.17 21.91 2.41
CA SER B 191 -17.23 22.77 1.69
C SER B 191 -17.55 24.21 2.03
N VAL B 192 -16.52 24.98 2.41
CA VAL B 192 -16.69 26.37 2.83
C VAL B 192 -15.60 27.22 2.17
N VAL B 193 -15.80 28.54 2.25
CA VAL B 193 -14.84 29.50 1.73
C VAL B 193 -14.94 30.77 2.56
N THR B 194 -13.81 31.46 2.70
CA THR B 194 -13.74 32.76 3.35
C THR B 194 -13.61 33.84 2.30
N VAL B 195 -14.39 34.90 2.45
CA VAL B 195 -14.46 35.96 1.43
C VAL B 195 -14.73 37.27 2.15
N PRO B 196 -14.26 38.41 1.64
CA PRO B 196 -14.48 39.69 2.31
C PRO B 196 -15.96 39.94 2.60
N SER B 197 -16.22 40.51 3.78
CA SER B 197 -17.60 40.79 4.18
C SER B 197 -18.25 41.83 3.29
N SER B 198 -17.48 42.79 2.79
CA SER B 198 -18.06 43.80 1.90
C SER B 198 -18.36 43.21 0.53
N SER B 199 -17.66 42.14 0.15
CA SER B 199 -17.89 41.53 -1.15
C SER B 199 -19.18 40.71 -1.22
N LEU B 200 -19.82 40.46 -0.08
CA LEU B 200 -21.02 39.64 -0.07
C LEU B 200 -22.15 40.29 -0.87
N GLY B 201 -22.37 41.59 -0.66
CA GLY B 201 -23.48 42.25 -1.32
C GLY B 201 -23.33 42.35 -2.83
N THR B 202 -22.10 42.50 -3.31
CA THR B 202 -21.88 42.70 -4.74
C THR B 202 -22.05 41.40 -5.53
N GLN B 203 -21.50 40.29 -5.04
CA GLN B 203 -21.41 39.07 -5.81
C GLN B 203 -22.21 37.95 -5.16
N THR B 204 -22.65 37.01 -6.00
CA THR B 204 -23.32 35.79 -5.57
C THR B 204 -22.39 34.62 -5.79
N TYR B 205 -22.22 33.79 -4.77
CA TYR B 205 -21.31 32.65 -4.83
C TYR B 205 -22.11 31.37 -4.97
N ILE B 206 -21.82 30.59 -6.01
CA ILE B 206 -22.53 29.36 -6.31
C ILE B 206 -21.54 28.21 -6.15
N CYS B 207 -21.93 27.18 -5.41
CA CYS B 207 -21.10 25.99 -5.24
C CYS B 207 -21.59 24.93 -6.22
N ASN B 208 -20.69 24.43 -7.05
CA ASN B 208 -21.03 23.49 -8.10
C ASN B 208 -20.73 22.08 -7.59
N VAL B 209 -21.79 21.29 -7.40
CA VAL B 209 -21.67 19.95 -6.83
C VAL B 209 -21.98 18.94 -7.94
N ASN B 210 -21.05 18.01 -8.15
CA ASN B 210 -21.21 16.94 -9.13
C ASN B 210 -21.01 15.60 -8.43
N HIS B 211 -21.95 14.68 -8.63
CA HIS B 211 -21.89 13.32 -8.09
C HIS B 211 -22.10 12.37 -9.26
N LYS B 212 -21.00 11.97 -9.90
CA LYS B 212 -21.10 11.15 -11.10
C LYS B 212 -21.81 9.81 -10.90
N PRO B 213 -21.63 9.07 -9.79
CA PRO B 213 -22.35 7.79 -9.66
C PRO B 213 -23.85 7.90 -9.83
N SER B 214 -24.48 8.95 -9.30
CA SER B 214 -25.92 9.15 -9.44
C SER B 214 -26.27 10.11 -10.57
N ASN B 215 -25.27 10.63 -11.29
CA ASN B 215 -25.47 11.60 -12.37
C ASN B 215 -26.25 12.83 -11.86
N THR B 216 -25.70 13.44 -10.81
CA THR B 216 -26.33 14.56 -10.14
C THR B 216 -25.46 15.80 -10.28
N LYS B 217 -26.03 16.86 -10.87
CA LYS B 217 -25.41 18.18 -10.89
C LYS B 217 -26.31 19.13 -10.12
N VAL B 218 -25.72 19.88 -9.19
CA VAL B 218 -26.45 20.82 -8.35
C VAL B 218 -25.58 22.07 -8.18
N ASP B 219 -26.04 23.19 -8.72
CA ASP B 219 -25.40 24.48 -8.53
C ASP B 219 -26.29 25.31 -7.61
N LYS B 220 -25.79 25.62 -6.41
CA LYS B 220 -26.57 26.30 -5.38
C LYS B 220 -25.93 27.64 -5.07
N LYS B 221 -26.69 28.72 -5.28
CA LYS B 221 -26.23 30.03 -4.84
C LYS B 221 -26.39 30.14 -3.33
N VAL B 222 -25.41 30.76 -2.67
CA VAL B 222 -25.45 30.97 -1.24
C VAL B 222 -25.42 32.47 -0.97
N GLU B 223 -26.33 32.94 -0.13
CA GLU B 223 -26.49 34.36 0.14
C GLU B 223 -26.92 34.51 1.59
N PRO B 224 -26.87 35.75 2.14
CA PRO B 224 -27.27 35.94 3.54
C PRO B 224 -28.65 35.38 3.87
N LYS B 225 -28.85 35.12 5.15
CA LYS B 225 -30.09 34.53 5.67
C LYS B 225 -31.33 35.33 5.26
N GLY C 2 21.91 -18.54 4.55
CA GLY C 2 23.11 -19.03 3.90
C GLY C 2 22.91 -20.40 3.28
N ILE C 3 22.99 -20.46 1.96
CA ILE C 3 22.76 -21.71 1.24
C ILE C 3 24.00 -22.59 1.35
N HIS C 4 23.77 -23.91 1.43
CA HIS C 4 24.84 -24.87 1.56
C HIS C 4 25.03 -25.61 0.24
N PHE C 5 26.22 -25.50 -0.34
CA PHE C 5 26.56 -26.14 -1.60
C PHE C 5 27.81 -26.99 -1.37
N ARG C 6 27.68 -28.29 -1.61
CA ARG C 6 28.76 -29.25 -1.39
C ARG C 6 28.90 -30.14 -2.61
N ARG C 7 30.08 -30.75 -2.75
CA ARG C 7 30.32 -31.67 -3.85
C ARG C 7 29.29 -32.80 -3.86
N HIS C 8 28.87 -33.24 -2.67
CA HIS C 8 27.92 -34.34 -2.55
C HIS C 8 26.61 -34.03 -3.26
N TYR C 9 26.21 -32.75 -3.29
CA TYR C 9 24.94 -32.39 -3.92
C TYR C 9 25.00 -32.52 -5.43
N VAL C 10 26.14 -32.16 -6.03
CA VAL C 10 26.31 -32.29 -7.47
C VAL C 10 26.47 -33.75 -7.84
N ARG C 11 25.83 -34.17 -8.93
CA ARG C 11 25.92 -35.55 -9.37
C ARG C 11 25.54 -35.65 -10.84
N HIS C 12 26.05 -36.70 -11.49
CA HIS C 12 25.66 -37.08 -12.84
C HIS C 12 24.61 -38.18 -12.76
N LEU C 13 23.59 -38.08 -13.60
CA LEU C 13 22.54 -39.09 -13.52
C LEU C 13 22.62 -40.05 -14.71
N PRO C 14 22.31 -41.32 -14.49
CA PRO C 14 22.34 -42.29 -15.59
C PRO C 14 21.21 -42.04 -16.59
N LYS C 15 21.36 -42.63 -17.77
CA LYS C 15 20.38 -42.46 -18.83
C LYS C 15 19.13 -43.30 -18.54
N GLU C 16 18.08 -43.02 -19.32
CA GLU C 16 16.81 -43.75 -19.23
C GLU C 16 16.21 -43.66 -17.83
N VAL C 17 16.21 -42.47 -17.26
CA VAL C 17 15.72 -42.22 -15.92
C VAL C 17 14.58 -41.21 -15.99
N SER C 18 13.48 -41.51 -15.31
CA SER C 18 12.30 -40.66 -15.36
C SER C 18 12.46 -39.44 -14.47
N GLN C 19 11.57 -38.46 -14.68
CA GLN C 19 11.62 -37.22 -13.91
C GLN C 19 11.37 -37.49 -12.43
N ASN C 20 10.42 -38.39 -12.12
CA ASN C 20 10.18 -38.79 -10.74
C ASN C 20 11.46 -39.29 -10.08
N ASP C 21 12.20 -40.16 -10.77
CA ASP C 21 13.43 -40.70 -10.21
C ASP C 21 14.50 -39.63 -10.09
N ILE C 22 14.52 -38.66 -11.00
CA ILE C 22 15.46 -37.55 -10.89
C ILE C 22 15.19 -36.76 -9.62
N ILE C 23 13.91 -36.53 -9.31
CA ILE C 23 13.55 -35.76 -8.12
C ILE C 23 13.98 -36.51 -6.86
N LYS C 24 13.63 -37.79 -6.76
CA LYS C 24 13.98 -38.56 -5.57
C LYS C 24 15.49 -38.70 -5.42
N ALA C 25 16.21 -38.82 -6.55
CA ALA C 25 17.66 -38.99 -6.49
C ALA C 25 18.35 -37.70 -6.04
N LEU C 26 17.88 -36.55 -6.52
CA LEU C 26 18.49 -35.28 -6.12
C LEU C 26 18.09 -34.88 -4.71
N ALA C 27 16.90 -35.28 -4.27
CA ALA C 27 16.48 -34.98 -2.90
C ALA C 27 17.12 -35.91 -1.89
N SER C 28 17.59 -37.08 -2.33
CA SER C 28 18.17 -38.04 -1.38
C SER C 28 19.34 -37.49 -0.59
N PRO C 29 20.32 -36.79 -1.18
CA PRO C 29 21.40 -36.23 -0.35
C PRO C 29 20.92 -35.16 0.61
N LEU C 30 19.92 -34.36 0.22
CA LEU C 30 19.39 -33.33 1.12
C LEU C 30 18.68 -33.97 2.31
N ILE C 31 17.96 -35.07 2.08
CA ILE C 31 17.27 -35.75 3.16
C ILE C 31 18.27 -36.38 4.13
N ASN C 32 19.33 -36.99 3.58
CA ASN C 32 20.34 -37.61 4.44
C ASN C 32 21.07 -36.59 5.28
N ASP C 33 21.39 -35.43 4.72
CA ASP C 33 22.08 -34.39 5.49
C ASP C 33 21.15 -33.73 6.51
N GLY C 34 19.85 -33.94 6.39
CA GLY C 34 18.91 -33.24 7.26
C GLY C 34 18.57 -31.84 6.81
N MET C 35 18.82 -31.51 5.55
CA MET C 35 18.53 -30.17 5.06
C MET C 35 17.03 -29.96 4.85
N VAL C 36 16.30 -31.03 4.58
CA VAL C 36 14.87 -30.94 4.29
C VAL C 36 14.13 -31.98 5.12
N VAL C 37 12.83 -32.13 4.87
CA VAL C 37 12.01 -33.11 5.59
C VAL C 37 12.25 -34.50 4.99
N SER C 38 11.74 -35.54 5.65
CA SER C 38 11.99 -36.90 5.21
C SER C 38 11.27 -37.21 3.91
N ASP C 39 10.04 -36.72 3.75
CA ASP C 39 9.27 -36.90 2.52
C ASP C 39 9.29 -35.64 1.66
N PHE C 40 10.46 -35.00 1.59
CA PHE C 40 10.61 -33.78 0.81
C PHE C 40 10.44 -34.04 -0.69
N ALA C 41 10.78 -35.24 -1.15
CA ALA C 41 10.65 -35.54 -2.57
C ALA C 41 9.20 -35.63 -3.00
N ASP C 42 8.32 -36.11 -2.12
CA ASP C 42 6.91 -36.21 -2.48
C ASP C 42 6.28 -34.83 -2.66
N HIS C 43 6.62 -33.88 -1.79
CA HIS C 43 6.09 -32.53 -1.94
C HIS C 43 6.69 -31.82 -3.14
N VAL C 44 7.90 -32.18 -3.53
CA VAL C 44 8.53 -31.55 -4.69
C VAL C 44 7.87 -32.01 -5.97
N ILE C 45 7.57 -33.31 -6.08
CA ILE C 45 6.99 -33.82 -7.32
C ILE C 45 5.54 -33.40 -7.44
N THR C 46 4.81 -33.34 -6.33
CA THR C 46 3.45 -32.81 -6.37
C THR C 46 3.45 -31.34 -6.77
N ARG C 47 4.44 -30.57 -6.27
CA ARG C 47 4.63 -29.21 -6.75
C ARG C 47 5.02 -29.21 -8.22
N GLU C 48 5.82 -30.21 -8.64
CA GLU C 48 6.27 -30.25 -10.02
C GLU C 48 5.14 -30.56 -10.99
N GLN C 49 4.16 -31.36 -10.58
CA GLN C 49 3.04 -31.66 -11.46
C GLN C 49 2.13 -30.45 -11.62
N ASN C 50 1.92 -29.69 -10.54
CA ASN C 50 1.09 -28.50 -10.60
C ASN C 50 1.77 -27.40 -11.39
N PHE C 51 3.01 -27.08 -11.02
CA PHE C 51 3.74 -25.95 -11.61
C PHE C 51 5.01 -26.43 -12.29
N PRO C 52 5.09 -26.39 -13.61
CA PRO C 52 6.32 -26.81 -14.30
C PRO C 52 7.46 -25.84 -14.02
N THR C 53 8.65 -26.40 -13.83
CA THR C 53 9.84 -25.61 -13.49
C THR C 53 10.89 -25.66 -14.59
N GLY C 54 10.57 -26.24 -15.75
CA GLY C 54 11.53 -26.31 -16.83
C GLY C 54 11.68 -24.96 -17.53
N LEU C 55 12.92 -24.66 -17.92
CA LEU C 55 13.23 -23.43 -18.63
C LEU C 55 14.03 -23.74 -19.88
N PRO C 56 13.71 -23.07 -21.00
CA PRO C 56 14.30 -23.46 -22.30
C PRO C 56 15.74 -22.99 -22.50
N VAL C 57 16.01 -21.72 -22.21
CA VAL C 57 17.32 -21.10 -22.46
C VAL C 57 17.67 -21.27 -23.93
N GLU C 58 18.95 -21.54 -24.24
CA GLU C 58 19.35 -21.65 -25.64
C GLU C 58 20.27 -22.86 -25.88
N PRO C 59 21.38 -23.04 -25.14
CA PRO C 59 22.21 -24.22 -25.40
C PRO C 59 21.57 -25.49 -24.87
N VAL C 60 21.20 -25.49 -23.58
CA VAL C 60 20.64 -26.64 -22.91
C VAL C 60 19.38 -26.22 -22.17
N GLY C 61 18.64 -27.22 -21.67
CA GLY C 61 17.46 -26.96 -20.88
C GLY C 61 17.76 -26.96 -19.39
N VAL C 62 16.90 -26.28 -18.64
CA VAL C 62 17.08 -26.09 -17.20
C VAL C 62 15.78 -26.44 -16.49
N ALA C 63 15.90 -27.07 -15.31
CA ALA C 63 14.78 -27.35 -14.44
C ALA C 63 15.02 -26.74 -13.07
N ILE C 64 13.96 -26.19 -12.48
CA ILE C 64 14.07 -25.53 -11.17
C ILE C 64 13.08 -26.14 -10.18
N PRO C 65 13.14 -27.44 -9.87
CA PRO C 65 12.17 -28.01 -8.93
C PRO C 65 12.35 -27.44 -7.52
N HIS C 66 11.23 -27.32 -6.83
CA HIS C 66 11.20 -26.77 -5.48
C HIS C 66 9.87 -27.15 -4.84
N THR C 67 9.54 -26.50 -3.73
CA THR C 67 8.28 -26.71 -3.03
C THR C 67 8.08 -25.51 -2.09
N ASP C 68 7.10 -25.63 -1.20
CA ASP C 68 6.85 -24.58 -0.23
C ASP C 68 7.99 -24.48 0.78
N SER C 69 8.17 -23.29 1.35
CA SER C 69 9.27 -23.06 2.28
C SER C 69 9.08 -23.82 3.60
N LYS C 70 7.83 -24.18 3.92
CA LYS C 70 7.57 -24.87 5.19
C LYS C 70 8.27 -26.23 5.26
N TYR C 71 8.41 -26.91 4.12
CA TYR C 71 9.03 -28.23 4.14
C TYR C 71 10.54 -28.15 4.28
N VAL C 72 11.15 -27.06 3.81
CA VAL C 72 12.60 -26.92 3.88
C VAL C 72 13.03 -26.61 5.31
N ARG C 73 14.10 -27.25 5.76
CA ARG C 73 14.68 -26.97 7.07
C ARG C 73 15.96 -26.14 6.98
N GLN C 74 16.85 -26.48 6.06
CA GLN C 74 18.05 -25.70 5.79
C GLN C 74 18.12 -25.39 4.31
N ASN C 75 18.54 -24.17 3.99
CA ASN C 75 18.67 -23.76 2.60
C ASN C 75 19.74 -24.58 1.90
N ALA C 76 19.42 -25.10 0.72
CA ALA C 76 20.33 -25.98 -0.01
C ALA C 76 20.01 -25.91 -1.49
N ILE C 77 20.91 -26.48 -2.29
CA ILE C 77 20.76 -26.54 -3.74
C ILE C 77 21.41 -27.82 -4.23
N SER C 78 20.68 -28.59 -5.05
CA SER C 78 21.19 -29.83 -5.61
C SER C 78 21.13 -29.74 -7.12
N VAL C 79 22.25 -30.04 -7.77
CA VAL C 79 22.40 -29.92 -9.22
C VAL C 79 22.52 -31.32 -9.81
N GLY C 80 21.81 -31.57 -10.89
CA GLY C 80 21.87 -32.85 -11.57
C GLY C 80 22.12 -32.67 -13.05
N ILE C 81 23.03 -33.48 -13.58
CA ILE C 81 23.40 -33.47 -15.00
C ILE C 81 22.87 -34.74 -15.64
N LEU C 82 22.18 -34.60 -16.76
CA LEU C 82 21.54 -35.72 -17.44
C LEU C 82 22.31 -36.05 -18.72
N ALA C 83 22.56 -37.34 -18.94
CA ALA C 83 23.31 -37.77 -20.11
C ALA C 83 22.51 -37.55 -21.40
N GLU C 84 21.21 -37.79 -21.35
CA GLU C 84 20.34 -37.59 -22.50
C GLU C 84 19.18 -36.68 -22.12
N PRO C 85 18.69 -35.87 -23.06
CA PRO C 85 17.63 -34.92 -22.74
C PRO C 85 16.40 -35.60 -22.14
N VAL C 86 15.89 -35.01 -21.06
CA VAL C 86 14.71 -35.51 -20.37
C VAL C 86 13.60 -34.46 -20.49
N ASN C 87 12.40 -34.92 -20.84
CA ASN C 87 11.27 -34.01 -21.05
C ASN C 87 10.89 -33.33 -19.74
N PHE C 88 10.73 -32.01 -19.81
CA PHE C 88 10.20 -31.21 -18.70
C PHE C 88 9.29 -30.14 -19.27
N GLU C 89 8.12 -29.97 -18.66
CA GLU C 89 7.17 -28.97 -19.13
C GLU C 89 7.71 -27.56 -18.89
N ASP C 90 7.45 -26.66 -19.84
CA ASP C 90 7.96 -25.31 -19.77
C ASP C 90 7.30 -24.53 -18.64
N ALA C 91 8.12 -23.78 -17.90
CA ALA C 91 7.60 -22.95 -16.82
C ALA C 91 6.77 -21.80 -17.36
N GLY C 92 5.67 -21.48 -16.67
CA GLY C 92 4.76 -20.45 -17.11
C GLY C 92 3.63 -20.94 -18.00
N GLY C 93 3.74 -22.14 -18.55
CA GLY C 93 2.70 -22.67 -19.40
C GLY C 93 3.06 -22.63 -20.87
N GLU C 94 3.30 -23.80 -21.46
CA GLU C 94 3.62 -23.92 -22.87
C GLU C 94 3.35 -25.34 -23.35
N PRO C 95 2.60 -25.51 -24.44
CA PRO C 95 2.27 -26.88 -24.88
C PRO C 95 3.48 -27.70 -25.30
N ASP C 96 4.43 -27.11 -26.00
CA ASP C 96 5.59 -27.86 -26.46
C ASP C 96 6.53 -28.15 -25.29
N PRO C 97 7.06 -29.36 -25.19
CA PRO C 97 7.96 -29.70 -24.09
C PRO C 97 9.33 -29.05 -24.25
N VAL C 98 10.07 -29.02 -23.15
CA VAL C 98 11.40 -28.42 -23.08
C VAL C 98 12.39 -29.52 -22.78
N PRO C 99 13.40 -29.75 -23.64
CA PRO C 99 14.41 -30.76 -23.35
C PRO C 99 15.42 -30.28 -22.32
N VAL C 100 15.22 -30.69 -21.07
CA VAL C 100 16.02 -30.19 -19.95
C VAL C 100 17.20 -31.13 -19.72
N ARG C 101 18.41 -30.62 -19.93
CA ARG C 101 19.64 -31.37 -19.66
C ARG C 101 20.12 -31.21 -18.22
N VAL C 102 19.96 -30.02 -17.64
CA VAL C 102 20.48 -29.70 -16.32
C VAL C 102 19.32 -29.39 -15.38
N VAL C 103 19.37 -29.92 -14.16
CA VAL C 103 18.32 -29.75 -13.17
C VAL C 103 18.90 -29.04 -11.95
N PHE C 104 18.22 -27.99 -11.50
CA PHE C 104 18.59 -27.23 -10.31
C PHE C 104 17.48 -27.36 -9.28
N MET C 105 17.71 -28.17 -8.24
CA MET C 105 16.76 -28.30 -7.14
C MET C 105 17.08 -27.25 -6.08
N LEU C 106 16.13 -26.37 -5.81
CA LEU C 106 16.30 -25.29 -4.84
C LEU C 106 15.41 -25.55 -3.63
N ALA C 107 16.03 -25.66 -2.46
CA ALA C 107 15.31 -25.76 -1.19
C ALA C 107 15.62 -24.50 -0.40
N LEU C 108 14.63 -23.61 -0.28
CA LEU C 108 14.82 -22.32 0.36
C LEU C 108 13.77 -22.14 1.44
N GLY C 109 14.23 -21.77 2.65
CA GLY C 109 13.32 -21.61 3.76
C GLY C 109 12.62 -20.28 3.85
N ASN C 110 13.11 -19.29 3.09
CA ASN C 110 12.53 -17.95 3.10
C ASN C 110 11.98 -17.63 1.71
N TRP C 111 10.76 -17.10 1.67
CA TRP C 111 10.11 -16.78 0.41
C TRP C 111 10.78 -15.60 -0.29
N PHE C 112 11.30 -14.64 0.46
CA PHE C 112 11.88 -13.45 -0.14
C PHE C 112 13.21 -13.74 -0.83
N ASP C 113 13.93 -14.77 -0.40
CA ASP C 113 15.21 -15.11 -1.02
C ASP C 113 15.05 -15.78 -2.37
N ILE C 114 13.84 -16.28 -2.67
CA ILE C 114 13.66 -17.10 -3.86
C ILE C 114 13.94 -16.31 -5.13
N THR C 115 13.46 -15.07 -5.18
CA THR C 115 13.63 -14.27 -6.39
C THR C 115 15.10 -14.00 -6.69
N LYS C 116 15.92 -13.80 -5.65
CA LYS C 116 17.34 -13.57 -5.88
C LYS C 116 18.01 -14.80 -6.49
N TRP C 117 17.58 -16.00 -6.06
CA TRP C 117 18.18 -17.22 -6.60
C TRP C 117 17.67 -17.54 -8.00
N LEU C 118 16.48 -17.06 -8.37
CA LEU C 118 16.09 -17.11 -9.78
C LEU C 118 16.96 -16.20 -10.62
N TRP C 119 17.40 -15.07 -10.06
CA TRP C 119 18.27 -14.17 -10.80
C TRP C 119 19.67 -14.75 -10.96
N TYR C 120 20.19 -15.39 -9.91
CA TYR C 120 21.47 -16.10 -10.04
C TYR C 120 21.41 -17.17 -11.12
N ILE C 121 20.32 -17.93 -11.15
CA ILE C 121 20.20 -19.02 -12.11
C ILE C 121 20.11 -18.47 -13.53
N LYS C 122 19.36 -17.38 -13.72
CA LYS C 122 19.29 -16.76 -15.04
C LYS C 122 20.67 -16.29 -15.50
N ALA C 123 21.51 -15.84 -14.56
CA ALA C 123 22.82 -15.33 -14.94
C ALA C 123 23.74 -16.45 -15.40
N VAL C 124 23.76 -17.57 -14.68
CA VAL C 124 24.70 -18.65 -15.01
C VAL C 124 24.26 -19.39 -16.26
N ILE C 125 22.95 -19.61 -16.43
CA ILE C 125 22.48 -20.37 -17.59
C ILE C 125 22.51 -19.56 -18.88
N GLN C 126 22.61 -18.22 -18.79
CA GLN C 126 22.65 -17.42 -20.01
C GLN C 126 23.96 -17.62 -20.76
N ASP C 127 25.08 -17.75 -20.04
CA ASP C 127 26.37 -18.00 -20.66
C ASP C 127 26.29 -19.24 -21.53
N GLU C 128 26.25 -19.06 -22.85
CA GLU C 128 26.07 -20.17 -23.78
C GLU C 128 27.20 -21.17 -23.67
N ASP C 129 28.44 -20.70 -23.59
CA ASP C 129 29.57 -21.62 -23.56
C ASP C 129 29.64 -22.38 -22.24
N PHE C 130 29.24 -21.74 -21.14
CA PHE C 130 29.31 -22.42 -19.85
C PHE C 130 28.27 -23.53 -19.75
N MET C 131 27.07 -23.31 -20.31
CA MET C 131 26.06 -24.36 -20.27
C MET C 131 26.49 -25.59 -21.05
N GLN C 132 27.12 -25.39 -22.21
CA GLN C 132 27.53 -26.54 -23.01
C GLN C 132 28.79 -27.19 -22.44
N GLN C 133 29.63 -26.44 -21.73
CA GLN C 133 30.78 -27.04 -21.08
C GLN C 133 30.40 -27.84 -19.84
N LEU C 134 29.22 -27.57 -19.26
CA LEU C 134 28.77 -28.32 -18.11
C LEU C 134 28.71 -29.81 -18.39
N LEU C 135 28.36 -30.18 -19.63
CA LEU C 135 28.17 -31.59 -19.96
C LEU C 135 29.49 -32.35 -19.97
N VAL C 136 30.55 -31.75 -20.53
CA VAL C 136 31.80 -32.47 -20.65
C VAL C 136 32.55 -32.54 -19.33
N MET C 137 32.40 -31.55 -18.46
CA MET C 137 33.14 -31.53 -17.20
C MET C 137 32.59 -32.58 -16.25
N ASN C 138 33.48 -33.10 -15.39
CA ASN C 138 33.09 -34.10 -14.41
C ASN C 138 32.44 -33.44 -13.20
N ASP C 139 32.04 -34.27 -12.23
CA ASP C 139 31.32 -33.77 -11.06
C ASP C 139 32.13 -32.74 -10.29
N ASP C 140 33.42 -33.00 -10.09
CA ASP C 140 34.24 -32.06 -9.33
C ASP C 140 34.48 -30.77 -10.12
N GLU C 141 34.58 -30.88 -11.44
CA GLU C 141 34.81 -29.69 -12.25
C GLU C 141 33.58 -28.80 -12.33
N ILE C 142 32.39 -29.39 -12.46
CA ILE C 142 31.17 -28.57 -12.52
C ILE C 142 30.86 -28.00 -11.15
N TYR C 143 31.20 -28.70 -10.08
CA TYR C 143 30.98 -28.17 -8.74
C TYR C 143 31.80 -26.92 -8.50
N GLN C 144 33.09 -26.97 -8.85
CA GLN C 144 33.97 -25.82 -8.60
C GLN C 144 33.58 -24.63 -9.46
N SER C 145 33.17 -24.88 -10.71
CA SER C 145 32.75 -23.79 -11.57
C SER C 145 31.46 -23.15 -11.06
N ILE C 146 30.50 -23.97 -10.63
CA ILE C 146 29.25 -23.43 -10.09
C ILE C 146 29.51 -22.68 -8.78
N TYR C 147 30.36 -23.24 -7.92
CA TYR C 147 30.70 -22.57 -6.66
C TYR C 147 31.37 -21.22 -6.94
N THR C 148 32.32 -21.20 -7.88
CA THR C 148 33.02 -19.96 -8.19
C THR C 148 32.07 -18.92 -8.77
N ARG C 149 31.11 -19.36 -9.58
CA ARG C 149 30.21 -18.41 -10.23
C ARG C 149 29.20 -17.82 -9.26
N ILE C 150 28.65 -18.64 -8.37
CA ILE C 150 27.71 -18.10 -7.37
C ILE C 150 28.45 -17.19 -6.39
N SER C 151 29.69 -17.54 -6.05
CA SER C 151 30.50 -16.66 -5.21
C SER C 151 30.78 -15.35 -5.93
N GLU C 152 31.10 -15.43 -7.22
CA GLU C 152 31.27 -14.21 -8.01
C GLU C 152 29.97 -13.43 -8.10
N LEU C 153 28.84 -14.12 -8.29
CA LEU C 153 27.57 -13.43 -8.39
C LEU C 153 27.16 -12.81 -7.06
N GLU C 154 27.58 -13.39 -5.94
CA GLU C 154 27.21 -12.86 -4.63
C GLU C 154 27.90 -11.52 -4.37
N VAL C 155 29.19 -11.42 -4.70
CA VAL C 155 29.89 -10.15 -4.50
C VAL C 155 29.41 -9.08 -5.48
N LEU C 156 28.85 -9.47 -6.62
CA LEU C 156 28.27 -8.50 -7.54
C LEU C 156 26.90 -8.04 -7.08
N PHE C 157 26.18 -8.90 -6.35
CA PHE C 157 24.87 -8.52 -5.85
C PHE C 157 24.98 -7.42 -4.80
N GLN C 158 26.06 -7.41 -4.03
CA GLN C 158 26.26 -6.39 -3.00
C GLN C 158 27.05 -5.21 -3.55
#